data_4EEV
#
_entry.id   4EEV
#
_cell.length_a   40.508
_cell.length_b   63.886
_cell.length_c   111.631
_cell.angle_alpha   90.000
_cell.angle_beta   90.000
_cell.angle_gamma   90.000
#
_symmetry.space_group_name_H-M   'P 21 21 21'
#
loop_
_entity.id
_entity.type
_entity.pdbx_description
1 polymer 'Hepatocyte growth factor receptor'
2 non-polymer N-(3-fluoro-4-{[1-methyl-6-(1H-pyrazol-4-yl)-1H-indazol-5-yl]oxy}phenyl)-1-(4-fluorophenyl)-6-methyl-2-oxo-1,2-dihydropyridine-3-carboxamide
3 water water
#
_entity_poly.entity_id   1
_entity_poly.type   'polypeptide(L)'
_entity_poly.pdbx_seq_one_letter_code
;MHHHHHHMGDSDISSPLLQNTVHIDLSALNPELVQAVQHVVIGPSSLIVHFNEVIGRGHFGCVYHGTLLDNDGKKIHCAV
KSLNRITDIGEVSQFLTEGIIMKDFSHPNVLSLLGICLRSEGSPLVVLPYMKHGDLRNFIRNETHNPTVKDLIGFGLQVA
KGMKYLASKKFVHRDLAARNCMLDEKFTVKVADFGLARDMYDKEYYSVHNKTGAKLPVKWMALESLQTQKFTTKSDVWSF
GVLLWELMTRGAPPYPDVNTFDITVYLLQGRRLLQPEYCPDPLYEVMLKCWHPKAEMRPSFSELVSRISAIFSTFIG
;
_entity_poly.pdbx_strand_id   A
#
loop_
_chem_comp.id
_chem_comp.type
_chem_comp.name
_chem_comp.formula
L1X non-polymer N-(3-fluoro-4-{[1-methyl-6-(1H-pyrazol-4-yl)-1H-indazol-5-yl]oxy}phenyl)-1-(4-fluorophenyl)-6-methyl-2-oxo-1,2-dihydropyridine-3-carboxamide 'C30 H22 F2 N6 O3'
#
# COMPACT_ATOMS: atom_id res chain seq x y z
N PRO A 16 15.14 37.19 6.18
CA PRO A 16 13.96 36.65 5.50
C PRO A 16 13.38 35.38 6.15
N LEU A 17 12.14 35.08 5.77
CA LEU A 17 11.39 33.93 6.29
C LEU A 17 11.30 32.91 5.17
N LEU A 18 11.90 31.75 5.40
CA LEU A 18 12.11 30.78 4.34
C LEU A 18 11.08 29.67 4.37
N GLN A 19 11.12 28.85 3.33
CA GLN A 19 10.28 27.66 3.27
C GLN A 19 10.49 26.75 4.51
N ASN A 20 11.69 26.82 5.11
CA ASN A 20 12.05 26.08 6.34
C ASN A 20 11.36 26.61 7.62
N THR A 21 10.96 27.88 7.61
CA THR A 21 10.41 28.52 8.80
C THR A 21 8.88 28.44 8.86
N VAL A 22 8.20 27.73 7.93
CA VAL A 22 6.74 27.67 7.99
C VAL A 22 6.27 27.27 9.38
N HIS A 23 5.23 27.95 9.86
CA HIS A 23 4.61 27.63 11.14
C HIS A 23 3.21 27.19 10.89
N ILE A 24 2.82 26.06 11.46
CA ILE A 24 1.50 25.47 11.28
C ILE A 24 0.61 25.81 12.48
N ASP A 25 -0.54 26.40 12.20
CA ASP A 25 -1.49 26.77 13.25
C ASP A 25 -2.41 25.56 13.49
N LEU A 26 -2.08 24.75 14.51
CA LEU A 26 -2.86 23.57 14.86
C LEU A 26 -4.28 23.94 15.30
N SER A 27 -4.48 25.18 15.73
CA SER A 27 -5.83 25.60 16.11
C SER A 27 -6.73 25.73 14.88
N ALA A 28 -6.16 25.69 13.66
CA ALA A 28 -6.95 25.71 12.41
C ALA A 28 -7.36 24.31 11.90
N LEU A 29 -6.94 23.26 12.59
CA LEU A 29 -7.30 21.87 12.25
C LEU A 29 -8.46 21.41 13.10
N ASN A 30 -9.15 20.35 12.69
CA ASN A 30 -10.16 19.78 13.57
C ASN A 30 -9.50 19.32 14.89
N PRO A 31 -10.05 19.72 16.05
CA PRO A 31 -9.37 19.35 17.31
C PRO A 31 -9.22 17.81 17.51
N GLU A 32 -10.14 17.06 16.93
CA GLU A 32 -10.10 15.62 16.97
C GLU A 32 -8.92 15.05 16.18
N LEU A 33 -8.50 15.73 15.12
CA LEU A 33 -7.33 15.32 14.34
C LEU A 33 -6.11 15.61 15.18
N VAL A 34 -6.04 16.81 15.79
CA VAL A 34 -4.89 17.16 16.63
C VAL A 34 -4.76 16.17 17.79
N GLN A 35 -5.87 15.84 18.42
CA GLN A 35 -5.86 14.88 19.52
C GLN A 35 -5.49 13.45 19.11
N ALA A 36 -5.89 13.07 17.90
CA ALA A 36 -5.48 11.76 17.35
C ALA A 36 -3.98 11.77 17.08
N VAL A 37 -3.46 12.87 16.54
CA VAL A 37 -2.04 12.96 16.31
C VAL A 37 -1.27 12.89 17.65
N GLN A 38 -1.83 13.51 18.69
N GLN A 38 -1.84 13.51 18.70
CA GLN A 38 -1.24 13.46 20.03
CA GLN A 38 -1.25 13.45 20.04
C GLN A 38 -0.91 12.05 20.47
C GLN A 38 -0.90 12.05 20.46
N HIS A 39 -1.81 11.11 20.20
CA HIS A 39 -1.58 9.70 20.51
C HIS A 39 -0.29 9.17 19.94
N VAL A 40 0.15 9.69 18.80
CA VAL A 40 1.31 9.12 18.07
C VAL A 40 2.49 10.06 17.90
N VAL A 41 2.56 11.13 18.72
CA VAL A 41 3.63 12.10 18.56
CA VAL A 41 3.65 12.10 18.53
C VAL A 41 5.01 11.50 18.88
N ILE A 42 5.99 11.86 18.07
CA ILE A 42 7.37 11.48 18.26
C ILE A 42 8.11 12.77 18.59
N GLY A 43 8.78 12.82 19.74
CA GLY A 43 9.61 13.98 20.08
C GLY A 43 10.75 14.21 19.08
N PRO A 44 10.98 15.50 18.67
CA PRO A 44 12.05 15.77 17.75
C PRO A 44 13.41 15.21 18.14
N SER A 45 13.72 15.16 19.44
CA SER A 45 15.04 14.71 19.83
C SER A 45 15.20 13.20 19.67
N SER A 46 14.11 12.47 19.45
CA SER A 46 14.18 11.04 19.21
CA SER A 46 14.20 11.03 19.21
C SER A 46 14.34 10.65 17.72
N LEU A 47 14.28 11.62 16.84
CA LEU A 47 14.34 11.32 15.40
C LEU A 47 15.49 11.99 14.69
N ILE A 48 16.25 11.22 13.89
CA ILE A 48 17.26 11.82 13.04
C ILE A 48 16.78 11.57 11.61
N VAL A 49 16.58 12.61 10.83
CA VAL A 49 16.25 12.47 9.40
C VAL A 49 17.51 12.65 8.58
N HIS A 50 17.79 11.69 7.70
CA HIS A 50 18.98 11.71 6.84
C HIS A 50 18.54 12.46 5.62
N PHE A 51 18.57 13.79 5.73
N PHE A 51 18.54 13.78 5.73
CA PHE A 51 18.07 14.66 4.67
CA PHE A 51 18.00 14.61 4.66
C PHE A 51 18.87 14.53 3.39
C PHE A 51 18.87 14.56 3.40
N ASN A 52 20.07 13.96 3.48
CA ASN A 52 20.91 13.75 2.27
C ASN A 52 20.70 12.34 1.66
N GLU A 53 19.74 11.58 2.20
CA GLU A 53 19.45 10.21 1.72
C GLU A 53 17.97 10.05 1.37
N VAL A 54 17.62 10.48 0.16
CA VAL A 54 16.28 10.53 -0.33
C VAL A 54 15.96 9.12 -0.84
N ILE A 55 14.85 8.59 -0.37
CA ILE A 55 14.36 7.26 -0.79
C ILE A 55 13.51 7.43 -2.03
N GLY A 56 12.67 8.44 -2.05
CA GLY A 56 11.83 8.72 -3.21
C GLY A 56 11.28 10.10 -3.10
N ARG A 57 11.08 10.77 -4.23
CA ARG A 57 10.65 12.16 -4.20
C ARG A 57 9.65 12.43 -5.31
N GLY A 58 8.51 13.00 -4.92
CA GLY A 58 7.47 13.40 -5.85
C GLY A 58 7.26 14.89 -5.81
N HIS A 59 6.24 15.35 -6.54
CA HIS A 59 5.83 16.75 -6.56
C HIS A 59 5.14 17.10 -5.26
N PHE A 60 4.44 16.13 -4.69
CA PHE A 60 3.75 16.31 -3.41
C PHE A 60 4.75 16.25 -2.24
N GLY A 61 5.46 15.14 -2.14
CA GLY A 61 6.28 14.89 -0.96
C GLY A 61 7.60 14.25 -1.23
N CYS A 62 8.29 13.96 -0.14
CA CYS A 62 9.57 13.32 -0.25
C CYS A 62 9.70 12.35 0.91
N VAL A 63 10.42 11.24 0.69
CA VAL A 63 10.67 10.21 1.69
C VAL A 63 12.18 10.03 1.85
N TYR A 64 12.63 10.13 3.12
CA TYR A 64 14.03 10.05 3.53
C TYR A 64 14.29 8.88 4.45
N HIS A 65 15.51 8.36 4.44
CA HIS A 65 15.98 7.48 5.48
C HIS A 65 15.98 8.22 6.78
N GLY A 66 15.60 7.54 7.86
CA GLY A 66 15.69 8.13 9.20
C GLY A 66 16.16 7.12 10.23
N THR A 67 16.42 7.62 11.42
CA THR A 67 16.74 6.78 12.55
C THR A 67 15.93 7.27 13.72
N LEU A 68 15.25 6.35 14.39
CA LEU A 68 14.46 6.66 15.53
C LEU A 68 15.10 5.99 16.74
N LEU A 69 15.14 6.69 17.87
CA LEU A 69 15.70 6.12 19.10
C LEU A 69 14.54 5.59 19.93
N ASP A 70 14.51 4.30 20.27
CA ASP A 70 13.46 3.75 21.13
C ASP A 70 13.71 4.12 22.59
N ASN A 71 12.86 3.61 23.48
CA ASN A 71 12.90 4.04 24.87
C ASN A 71 14.14 3.51 25.60
N ASP A 72 14.80 2.50 25.02
CA ASP A 72 16.13 2.04 25.49
C ASP A 72 17.23 3.03 25.08
N GLY A 73 17.12 3.59 23.87
CA GLY A 73 18.20 4.39 23.25
C GLY A 73 18.80 3.66 22.05
N LYS A 74 18.23 2.51 21.70
CA LYS A 74 18.64 1.80 20.50
C LYS A 74 18.07 2.42 19.21
N LYS A 75 18.86 2.32 18.14
CA LYS A 75 18.54 2.95 16.85
C LYS A 75 17.66 2.05 16.01
N ILE A 76 16.59 2.60 15.45
CA ILE A 76 15.67 1.86 14.60
C ILE A 76 15.66 2.55 13.24
N HIS A 77 16.00 1.83 12.17
CA HIS A 77 15.93 2.38 10.81
C HIS A 77 14.47 2.60 10.46
N CYS A 78 14.15 3.77 9.93
CA CYS A 78 12.76 4.08 9.52
C CYS A 78 12.78 4.90 8.24
N ALA A 79 11.59 5.12 7.68
CA ALA A 79 11.41 5.98 6.49
C ALA A 79 10.64 7.19 6.95
N VAL A 80 10.99 8.39 6.50
CA VAL A 80 10.35 9.60 7.03
C VAL A 80 9.77 10.34 5.87
N LYS A 81 8.45 10.56 5.89
CA LYS A 81 7.73 11.25 4.81
C LYS A 81 7.43 12.70 5.21
N SER A 82 7.73 13.63 4.30
CA SER A 82 7.53 15.06 4.50
CA SER A 82 7.44 15.02 4.52
C SER A 82 6.79 15.60 3.29
N LEU A 83 6.08 16.68 3.51
CA LEU A 83 5.61 17.50 2.41
C LEU A 83 6.77 18.36 1.87
N ASN A 84 6.76 18.71 0.58
CA ASN A 84 7.79 19.61 0.04
C ASN A 84 7.43 21.04 0.46
N ARG A 85 7.07 21.90 -0.48
CA ARG A 85 6.69 23.25 -0.13
C ARG A 85 5.24 23.27 0.37
N ILE A 86 5.03 23.76 1.58
CA ILE A 86 3.69 23.86 2.18
C ILE A 86 3.17 25.29 2.00
N THR A 87 2.03 25.44 1.36
CA THR A 87 1.48 26.78 1.17
C THR A 87 0.11 26.96 1.80
N ASP A 88 -0.63 25.89 2.11
CA ASP A 88 -1.88 26.08 2.83
C ASP A 88 -2.25 24.95 3.76
N ILE A 89 -3.13 25.30 4.69
CA ILE A 89 -3.54 24.41 5.78
C ILE A 89 -4.26 23.15 5.36
N GLY A 90 -4.97 23.18 4.23
CA GLY A 90 -5.65 21.98 3.72
C GLY A 90 -4.65 20.88 3.33
N GLU A 91 -3.45 21.24 2.83
CA GLU A 91 -2.43 20.22 2.43
C GLU A 91 -1.92 19.54 3.72
N VAL A 92 -1.70 20.32 4.78
CA VAL A 92 -1.31 19.75 6.06
C VAL A 92 -2.40 18.86 6.64
N SER A 93 -3.64 19.36 6.63
CA SER A 93 -4.78 18.59 7.11
C SER A 93 -4.96 17.22 6.45
N GLN A 94 -4.81 17.23 5.12
CA GLN A 94 -4.94 16.01 4.31
C GLN A 94 -3.82 15.02 4.71
N PHE A 95 -2.61 15.54 4.77
CA PHE A 95 -1.41 14.79 5.08
C PHE A 95 -1.54 14.08 6.42
N LEU A 96 -1.95 14.81 7.45
CA LEU A 96 -2.09 14.24 8.76
C LEU A 96 -3.27 13.25 8.83
N THR A 97 -4.37 13.56 8.16
CA THR A 97 -5.54 12.69 8.15
C THR A 97 -5.19 11.31 7.59
N GLU A 98 -4.42 11.30 6.50
CA GLU A 98 -3.89 10.05 5.92
C GLU A 98 -3.06 9.24 6.91
N GLY A 99 -2.10 9.89 7.53
CA GLY A 99 -1.29 9.26 8.53
C GLY A 99 -2.11 8.65 9.64
N ILE A 100 -3.11 9.37 10.10
CA ILE A 100 -3.92 8.94 11.20
C ILE A 100 -4.82 7.75 10.89
N ILE A 101 -5.22 7.58 9.63
CA ILE A 101 -5.98 6.36 9.21
C ILE A 101 -5.17 5.09 9.51
N MET A 102 -3.87 5.17 9.29
CA MET A 102 -2.97 4.04 9.55
C MET A 102 -2.82 3.67 11.02
N LYS A 103 -3.07 4.61 11.91
CA LYS A 103 -2.97 4.36 13.34
C LYS A 103 -3.90 3.24 13.78
N ASP A 104 -5.07 3.17 13.16
CA ASP A 104 -6.07 2.18 13.48
C ASP A 104 -5.69 0.78 12.92
N PHE A 105 -4.68 0.68 12.07
CA PHE A 105 -4.30 -0.64 11.52
C PHE A 105 -3.26 -1.36 12.34
N SER A 106 -3.56 -2.61 12.70
CA SER A 106 -2.58 -3.42 13.38
C SER A 106 -2.68 -4.86 12.95
N HIS A 107 -1.94 -5.16 11.89
CA HIS A 107 -1.90 -6.47 11.29
C HIS A 107 -0.54 -6.60 10.60
N PRO A 108 0.07 -7.77 10.63
CA PRO A 108 1.39 -7.93 10.03
C PRO A 108 1.50 -7.70 8.49
N ASN A 109 0.39 -7.76 7.80
CA ASN A 109 0.36 -7.58 6.35
C ASN A 109 -0.26 -6.29 5.94
N VAL A 110 -0.31 -5.33 6.89
CA VAL A 110 -0.83 -3.99 6.65
C VAL A 110 0.17 -2.96 7.17
N LEU A 111 0.52 -2.02 6.31
CA LEU A 111 1.50 -0.99 6.67
C LEU A 111 0.89 -0.12 7.78
N SER A 112 1.70 0.12 8.79
CA SER A 112 1.30 0.91 9.96
C SER A 112 2.29 2.08 10.12
N LEU A 113 1.95 3.01 11.00
CA LEU A 113 2.70 4.23 11.27
C LEU A 113 3.55 4.06 12.54
N LEU A 114 4.79 4.51 12.58
CA LEU A 114 5.57 4.48 13.82
C LEU A 114 5.23 5.73 14.66
N GLY A 115 4.93 6.82 13.98
CA GLY A 115 4.51 8.06 14.64
C GLY A 115 4.57 9.30 13.78
N ILE A 116 4.33 10.46 14.36
CA ILE A 116 4.27 11.71 13.59
C ILE A 116 5.09 12.71 14.40
N CYS A 117 6.03 13.37 13.76
CA CYS A 117 6.86 14.36 14.43
C CYS A 117 6.52 15.73 13.87
N LEU A 118 6.25 16.68 14.74
CA LEU A 118 6.09 18.01 14.19
C LEU A 118 6.85 18.99 15.02
N ARG A 119 7.83 19.60 14.40
CA ARG A 119 8.68 20.53 15.06
C ARG A 119 7.98 21.87 15.17
N SER A 120 8.70 22.83 15.71
CA SER A 120 8.24 24.18 15.80
C SER A 120 8.04 24.86 14.42
N GLU A 121 8.83 24.44 13.45
CA GLU A 121 8.73 24.96 12.11
C GLU A 121 8.80 23.77 11.15
N GLY A 122 8.33 23.98 9.92
CA GLY A 122 8.49 22.98 8.86
C GLY A 122 7.38 21.97 8.78
N SER A 123 7.52 21.07 7.82
CA SER A 123 6.53 20.06 7.54
C SER A 123 6.40 19.09 8.72
N PRO A 124 5.18 18.65 9.01
CA PRO A 124 5.06 17.48 9.88
C PRO A 124 5.72 16.31 9.23
N LEU A 125 6.13 15.38 10.06
CA LEU A 125 6.86 14.24 9.51
C LEU A 125 6.13 12.96 9.90
N VAL A 126 5.79 12.14 8.89
CA VAL A 126 5.18 10.85 9.12
C VAL A 126 6.27 9.75 9.09
N VAL A 127 6.37 9.00 10.17
CA VAL A 127 7.47 8.09 10.37
C VAL A 127 6.94 6.67 10.20
N LEU A 128 7.53 5.96 9.26
CA LEU A 128 7.07 4.62 8.80
C LEU A 128 8.18 3.59 9.04
N PRO A 129 7.80 2.32 9.23
CA PRO A 129 8.83 1.32 9.34
C PRO A 129 9.60 1.19 7.99
N TYR A 130 10.86 0.86 8.10
CA TYR A 130 11.70 0.75 6.92
C TYR A 130 11.45 -0.61 6.31
N MET A 131 11.17 -0.61 5.01
CA MET A 131 10.82 -1.83 4.23
C MET A 131 11.99 -2.10 3.27
N LYS A 132 12.89 -2.95 3.74
CA LYS A 132 14.23 -3.21 3.11
C LYS A 132 14.14 -3.51 1.64
N HIS A 133 13.14 -4.31 1.24
CA HIS A 133 13.03 -4.74 -0.14
C HIS A 133 12.04 -3.99 -0.95
N GLY A 134 11.64 -2.80 -0.47
CA GLY A 134 10.90 -1.88 -1.33
C GLY A 134 9.52 -2.39 -1.76
N ASP A 135 9.02 -1.89 -2.89
CA ASP A 135 7.71 -2.33 -3.39
C ASP A 135 7.75 -3.72 -4.02
N LEU A 136 6.62 -4.43 -3.92
CA LEU A 136 6.56 -5.83 -4.33
C LEU A 136 6.78 -6.04 -5.85
N ARG A 137 6.21 -5.17 -6.66
CA ARG A 137 6.34 -5.29 -8.09
C ARG A 137 7.79 -5.20 -8.56
N ASN A 138 8.53 -4.24 -8.02
CA ASN A 138 9.95 -4.14 -8.36
C ASN A 138 10.78 -5.32 -7.88
N PHE A 139 10.44 -5.85 -6.70
CA PHE A 139 11.12 -6.95 -6.10
C PHE A 139 10.98 -8.17 -7.00
N ILE A 140 9.77 -8.45 -7.46
CA ILE A 140 9.53 -9.67 -8.24
C ILE A 140 10.08 -9.59 -9.67
N ARG A 141 10.23 -8.38 -10.18
CA ARG A 141 10.80 -8.20 -11.52
C ARG A 141 12.32 -8.31 -11.54
N ASN A 142 12.94 -8.27 -10.38
CA ASN A 142 14.41 -8.32 -10.27
C ASN A 142 14.98 -9.72 -10.48
N GLU A 143 15.78 -9.84 -11.54
CA GLU A 143 16.42 -11.12 -11.94
C GLU A 143 17.28 -11.79 -10.87
N THR A 144 17.87 -10.99 -10.00
CA THR A 144 18.69 -11.48 -8.92
C THR A 144 17.88 -11.96 -7.76
N HIS A 145 16.59 -11.61 -7.73
CA HIS A 145 15.70 -12.11 -6.70
C HIS A 145 15.01 -13.36 -7.21
N ASN A 146 14.66 -13.37 -8.50
CA ASN A 146 13.95 -14.49 -9.21
C ASN A 146 13.17 -15.39 -8.26
N PRO A 147 12.05 -14.86 -7.73
CA PRO A 147 11.35 -15.65 -6.70
C PRO A 147 10.78 -16.99 -7.23
N THR A 148 10.74 -18.02 -6.40
CA THR A 148 10.11 -19.29 -6.80
C THR A 148 8.59 -19.12 -6.91
N VAL A 149 7.96 -19.97 -7.73
CA VAL A 149 6.50 -19.98 -7.86
C VAL A 149 5.89 -20.09 -6.44
N LYS A 150 6.49 -20.93 -5.61
CA LYS A 150 6.04 -21.07 -4.28
C LYS A 150 6.12 -19.76 -3.50
N ASP A 151 7.22 -19.03 -3.65
CA ASP A 151 7.40 -17.72 -2.99
C ASP A 151 6.31 -16.73 -3.45
N LEU A 152 5.99 -16.77 -4.72
CA LEU A 152 5.00 -15.88 -5.33
C LEU A 152 3.57 -16.16 -4.79
N ILE A 153 3.21 -17.43 -4.69
CA ILE A 153 1.94 -17.80 -4.09
C ILE A 153 1.86 -17.30 -2.62
N GLY A 154 2.96 -17.48 -1.88
CA GLY A 154 3.13 -17.04 -0.51
C GLY A 154 2.91 -15.54 -0.38
N PHE A 155 3.49 -14.76 -1.30
CA PHE A 155 3.22 -13.31 -1.32
C PHE A 155 1.74 -13.04 -1.53
N GLY A 156 1.09 -13.74 -2.45
CA GLY A 156 -0.34 -13.56 -2.69
C GLY A 156 -1.22 -13.86 -1.44
N LEU A 157 -0.86 -14.91 -0.69
CA LEU A 157 -1.54 -15.32 0.55
C LEU A 157 -1.37 -14.20 1.62
N GLN A 158 -0.17 -13.63 1.70
CA GLN A 158 0.06 -12.53 2.63
C GLN A 158 -0.80 -11.31 2.28
N VAL A 159 -0.91 -10.94 0.99
CA VAL A 159 -1.77 -9.87 0.59
C VAL A 159 -3.23 -10.20 0.97
N ALA A 160 -3.64 -11.43 0.70
CA ALA A 160 -5.01 -11.80 0.98
C ALA A 160 -5.33 -11.64 2.51
N LYS A 161 -4.37 -12.00 3.33
CA LYS A 161 -4.52 -11.93 4.79
C LYS A 161 -4.64 -10.46 5.24
N GLY A 162 -3.85 -9.60 4.64
CA GLY A 162 -3.93 -8.16 4.93
C GLY A 162 -5.27 -7.59 4.51
N MET A 163 -5.76 -8.00 3.33
CA MET A 163 -7.07 -7.55 2.82
C MET A 163 -8.25 -8.11 3.61
N LYS A 164 -8.09 -9.33 4.14
CA LYS A 164 -9.13 -9.96 4.99
C LYS A 164 -9.29 -9.09 6.23
N TYR A 165 -8.17 -8.72 6.84
CA TYR A 165 -8.17 -7.70 7.93
C TYR A 165 -8.83 -6.35 7.61
N LEU A 166 -8.35 -5.66 6.59
CA LEU A 166 -8.94 -4.41 6.14
C LEU A 166 -10.45 -4.50 5.88
N ALA A 167 -10.87 -5.55 5.18
CA ALA A 167 -12.29 -5.75 4.86
C ALA A 167 -13.12 -5.85 6.16
N SER A 168 -12.60 -6.57 7.14
CA SER A 168 -13.25 -6.70 8.48
C SER A 168 -13.39 -5.35 9.22
N LYS A 169 -12.55 -4.36 8.88
CA LYS A 169 -12.65 -3.02 9.43
C LYS A 169 -13.48 -2.09 8.55
N LYS A 170 -14.03 -2.65 7.46
CA LYS A 170 -14.80 -1.90 6.47
C LYS A 170 -13.99 -0.81 5.77
N PHE A 171 -12.69 -1.08 5.62
CA PHE A 171 -11.84 -0.24 4.83
C PHE A 171 -11.80 -0.77 3.41
N VAL A 172 -12.16 0.10 2.48
CA VAL A 172 -12.02 -0.15 1.03
C VAL A 172 -10.72 0.53 0.52
N HIS A 173 -9.83 -0.28 -0.05
CA HIS A 173 -8.53 0.18 -0.48
C HIS A 173 -8.59 1.11 -1.67
N ARG A 174 -9.27 0.67 -2.73
CA ARG A 174 -9.38 1.40 -4.02
C ARG A 174 -8.22 1.35 -4.98
N ASP A 175 -7.03 0.94 -4.56
CA ASP A 175 -5.93 0.90 -5.53
C ASP A 175 -4.98 -0.26 -5.20
N LEU A 176 -5.55 -1.42 -4.98
CA LEU A 176 -4.76 -2.60 -4.63
C LEU A 176 -4.02 -3.02 -5.90
N ALA A 177 -2.70 -3.15 -5.79
CA ALA A 177 -1.85 -3.53 -6.92
C ALA A 177 -0.49 -3.84 -6.33
N ALA A 178 0.35 -4.59 -7.05
CA ALA A 178 1.61 -5.02 -6.53
C ALA A 178 2.51 -3.79 -6.25
N ARG A 179 2.35 -2.75 -7.04
CA ARG A 179 3.15 -1.53 -6.84
C ARG A 179 2.85 -0.87 -5.50
N ASN A 180 1.68 -1.16 -4.92
CA ASN A 180 1.29 -0.58 -3.63
C ASN A 180 1.54 -1.48 -2.38
N CYS A 181 2.19 -2.63 -2.55
CA CYS A 181 2.58 -3.48 -1.47
C CYS A 181 4.09 -3.37 -1.28
N MET A 182 4.52 -3.42 -0.04
CA MET A 182 5.93 -3.36 0.26
C MET A 182 6.38 -4.61 0.96
N LEU A 183 7.70 -4.80 0.96
CA LEU A 183 8.32 -6.00 1.48
C LEU A 183 9.46 -5.70 2.49
N ASP A 184 9.36 -6.23 3.70
CA ASP A 184 10.35 -5.96 4.74
C ASP A 184 11.48 -6.99 4.74
N GLU A 185 12.38 -6.86 5.71
CA GLU A 185 13.59 -7.71 5.72
C GLU A 185 13.30 -9.18 5.97
N LYS A 186 12.15 -9.49 6.58
CA LYS A 186 11.74 -10.86 6.81
C LYS A 186 10.84 -11.40 5.67
N PHE A 187 10.76 -10.65 4.59
CA PHE A 187 9.88 -10.92 3.44
C PHE A 187 8.41 -10.97 3.84
N THR A 188 8.06 -10.16 4.84
CA THR A 188 6.68 -9.90 5.16
C THR A 188 6.12 -8.82 4.22
N VAL A 189 4.98 -9.13 3.60
CA VAL A 189 4.33 -8.19 2.67
C VAL A 189 3.40 -7.30 3.44
N LYS A 190 3.51 -5.99 3.19
CA LYS A 190 2.63 -5.01 3.83
C LYS A 190 1.83 -4.29 2.75
N VAL A 191 0.51 -4.47 2.84
CA VAL A 191 -0.40 -3.77 1.95
C VAL A 191 -0.34 -2.25 2.31
N ALA A 192 -0.25 -1.42 1.29
CA ALA A 192 -0.09 0.04 1.49
C ALA A 192 -0.69 0.82 0.36
N ASP A 193 -0.49 2.15 0.34
CA ASP A 193 -0.96 2.92 -0.82
C ASP A 193 0.01 4.09 -1.01
N PHE A 194 0.78 4.07 -2.10
CA PHE A 194 1.78 5.11 -2.34
C PHE A 194 1.10 6.44 -2.65
N GLY A 195 -0.17 6.42 -3.02
CA GLY A 195 -0.91 7.65 -3.28
C GLY A 195 -0.26 8.36 -4.46
N LYS A 215 -5.88 9.54 -13.65
CA LYS A 215 -6.40 9.62 -12.29
C LYS A 215 -6.78 8.26 -11.70
N LEU A 216 -7.28 7.36 -12.55
CA LEU A 216 -7.77 6.05 -12.09
C LEU A 216 -6.88 4.86 -12.58
N PRO A 217 -6.60 3.90 -11.68
CA PRO A 217 -5.77 2.74 -12.05
C PRO A 217 -6.58 1.73 -12.87
N VAL A 218 -6.91 2.13 -14.11
CA VAL A 218 -7.97 1.48 -14.90
C VAL A 218 -7.83 -0.03 -15.08
N LYS A 219 -6.61 -0.49 -15.24
CA LYS A 219 -6.34 -1.92 -15.47
C LYS A 219 -6.46 -2.83 -14.23
N TRP A 220 -6.63 -2.24 -13.05
CA TRP A 220 -6.89 -2.95 -11.80
C TRP A 220 -8.31 -2.84 -11.36
N MET A 221 -9.12 -2.05 -12.07
CA MET A 221 -10.47 -1.74 -11.62
C MET A 221 -11.51 -2.71 -12.08
N ALA A 222 -12.43 -3.04 -11.18
CA ALA A 222 -13.60 -3.85 -11.50
C ALA A 222 -14.54 -3.14 -12.50
N LEU A 223 -15.22 -3.99 -13.28
CA LEU A 223 -16.06 -3.52 -14.38
C LEU A 223 -17.09 -2.49 -13.88
N GLU A 224 -17.72 -2.74 -12.74
CA GLU A 224 -18.68 -1.77 -12.19
C GLU A 224 -18.06 -0.44 -11.77
N SER A 225 -16.79 -0.46 -11.32
CA SER A 225 -16.06 0.75 -10.95
C SER A 225 -15.66 1.58 -12.19
N LEU A 226 -15.33 0.92 -13.29
CA LEU A 226 -15.06 1.59 -14.54
C LEU A 226 -16.32 2.36 -15.04
N GLN A 227 -17.47 1.74 -14.85
CA GLN A 227 -18.77 2.27 -15.33
C GLN A 227 -19.36 3.32 -14.39
N THR A 228 -19.27 3.09 -13.08
CA THR A 228 -19.95 3.95 -12.05
C THR A 228 -19.00 4.77 -11.14
N GLN A 229 -17.71 4.43 -11.16
CA GLN A 229 -16.71 5.05 -10.26
C GLN A 229 -16.98 4.84 -8.76
N LYS A 230 -17.79 3.85 -8.43
CA LYS A 230 -17.99 3.40 -7.07
C LYS A 230 -17.05 2.20 -6.75
N PHE A 231 -16.51 2.19 -5.53
CA PHE A 231 -15.54 1.17 -5.11
C PHE A 231 -16.07 0.50 -3.86
N THR A 232 -15.93 -0.82 -3.76
CA THR A 232 -16.42 -1.57 -2.63
C THR A 232 -15.34 -2.60 -2.28
N THR A 233 -15.54 -3.35 -1.20
CA THR A 233 -14.67 -4.49 -0.91
C THR A 233 -14.70 -5.49 -2.08
N LYS A 234 -15.85 -5.66 -2.73
CA LYS A 234 -15.91 -6.58 -3.87
C LYS A 234 -15.12 -6.07 -5.09
N SER A 235 -14.98 -4.77 -5.25
CA SER A 235 -14.07 -4.25 -6.31
C SER A 235 -12.60 -4.40 -5.89
N ASP A 236 -12.33 -4.40 -4.57
CA ASP A 236 -10.97 -4.72 -4.10
C ASP A 236 -10.63 -6.18 -4.44
N VAL A 237 -11.62 -7.07 -4.35
CA VAL A 237 -11.41 -8.50 -4.68
C VAL A 237 -10.97 -8.62 -6.18
N TRP A 238 -11.66 -7.91 -7.05
CA TRP A 238 -11.26 -7.85 -8.47
C TRP A 238 -9.81 -7.45 -8.60
N SER A 239 -9.46 -6.31 -7.98
CA SER A 239 -8.09 -5.83 -7.98
C SER A 239 -7.10 -6.85 -7.44
N PHE A 240 -7.51 -7.58 -6.40
CA PHE A 240 -6.62 -8.57 -5.81
C PHE A 240 -6.36 -9.66 -6.86
N GLY A 241 -7.37 -9.99 -7.64
CA GLY A 241 -7.19 -10.99 -8.71
C GLY A 241 -6.16 -10.52 -9.71
N VAL A 242 -6.23 -9.24 -10.08
CA VAL A 242 -5.20 -8.65 -10.95
C VAL A 242 -3.80 -8.73 -10.32
N LEU A 243 -3.72 -8.43 -9.02
CA LEU A 243 -2.47 -8.49 -8.26
C LEU A 243 -1.87 -9.89 -8.29
N LEU A 244 -2.71 -10.90 -8.08
CA LEU A 244 -2.28 -12.28 -8.18
C LEU A 244 -1.69 -12.61 -9.52
N TRP A 245 -2.34 -12.10 -10.56
CA TRP A 245 -1.82 -12.26 -11.92
C TRP A 245 -0.48 -11.58 -12.13
N GLU A 246 -0.31 -10.39 -11.56
CA GLU A 246 0.99 -9.73 -11.57
C GLU A 246 2.05 -10.54 -10.86
N LEU A 247 1.72 -11.15 -9.72
CA LEU A 247 2.69 -11.97 -9.01
C LEU A 247 3.13 -13.14 -9.91
N MET A 248 2.17 -13.81 -10.51
CA MET A 248 2.44 -15.08 -11.19
C MET A 248 3.11 -14.83 -12.53
N THR A 249 3.01 -13.59 -13.06
CA THR A 249 3.73 -13.16 -14.29
C THR A 249 5.04 -12.45 -13.93
N ARG A 250 5.38 -12.44 -12.63
CA ARG A 250 6.60 -11.78 -12.14
C ARG A 250 6.64 -10.31 -12.55
N GLY A 251 5.47 -9.69 -12.45
CA GLY A 251 5.36 -8.27 -12.56
C GLY A 251 5.18 -7.76 -13.98
N ALA A 252 4.53 -8.56 -14.81
CA ALA A 252 4.14 -8.13 -16.15
C ALA A 252 3.00 -7.11 -16.09
N PRO A 253 3.01 -6.14 -17.02
CA PRO A 253 1.91 -5.22 -17.07
C PRO A 253 0.67 -5.90 -17.61
N PRO A 254 -0.47 -5.69 -16.96
CA PRO A 254 -1.71 -6.36 -17.36
C PRO A 254 -2.27 -5.78 -18.66
N TYR A 255 -2.85 -6.63 -19.49
CA TYR A 255 -3.41 -6.20 -20.78
C TYR A 255 -2.43 -5.31 -21.58
N PRO A 256 -1.25 -5.81 -21.91
CA PRO A 256 -0.31 -4.91 -22.58
C PRO A 256 -0.81 -4.45 -23.97
N ASP A 257 -1.50 -5.35 -24.68
CA ASP A 257 -2.05 -5.07 -26.01
C ASP A 257 -3.22 -4.06 -25.99
N VAL A 258 -3.94 -3.99 -24.87
CA VAL A 258 -5.15 -3.13 -24.74
C VAL A 258 -4.81 -1.75 -24.18
N ASN A 259 -5.11 -0.70 -24.94
CA ASN A 259 -4.97 0.70 -24.46
C ASN A 259 -6.01 1.00 -23.37
N THR A 260 -5.68 1.90 -22.45
CA THR A 260 -6.48 2.08 -21.23
C THR A 260 -7.92 2.58 -21.49
N PHE A 261 -8.15 3.26 -22.63
CA PHE A 261 -9.52 3.57 -23.11
C PHE A 261 -10.29 2.32 -23.63
N ASP A 262 -9.56 1.28 -24.05
CA ASP A 262 -10.13 0.03 -24.61
C ASP A 262 -10.56 -0.98 -23.52
N ILE A 263 -10.15 -0.79 -22.26
CA ILE A 263 -10.33 -1.86 -21.27
C ILE A 263 -11.79 -2.19 -20.98
N THR A 264 -12.68 -1.18 -20.91
CA THR A 264 -14.09 -1.47 -20.59
C THR A 264 -14.72 -2.39 -21.61
N VAL A 265 -14.45 -2.15 -22.88
CA VAL A 265 -15.02 -2.99 -23.97
C VAL A 265 -14.54 -4.45 -23.88
N TYR A 266 -13.24 -4.60 -23.71
CA TYR A 266 -12.61 -5.91 -23.49
C TYR A 266 -13.36 -6.68 -22.38
N LEU A 267 -13.51 -6.07 -21.21
CA LEU A 267 -14.22 -6.72 -20.09
C LEU A 267 -15.72 -7.00 -20.35
N LEU A 268 -16.41 -6.08 -21.05
CA LEU A 268 -17.83 -6.24 -21.39
C LEU A 268 -18.09 -7.47 -22.25
N GLN A 269 -17.14 -7.77 -23.12
CA GLN A 269 -17.21 -8.97 -23.93
C GLN A 269 -16.92 -10.27 -23.17
N GLY A 270 -16.51 -10.15 -21.90
CA GLY A 270 -16.26 -11.33 -21.05
C GLY A 270 -14.80 -11.79 -21.12
N ARG A 271 -13.94 -10.98 -21.74
CA ARG A 271 -12.55 -11.36 -21.91
C ARG A 271 -11.83 -11.02 -20.61
N ARG A 272 -10.84 -11.85 -20.27
CA ARG A 272 -10.08 -11.67 -19.01
C ARG A 272 -8.61 -11.97 -19.26
N LEU A 273 -7.78 -11.52 -18.33
CA LEU A 273 -6.38 -11.85 -18.31
C LEU A 273 -6.21 -13.36 -18.44
N LEU A 274 -5.25 -13.75 -19.28
CA LEU A 274 -5.05 -15.16 -19.61
C LEU A 274 -4.14 -15.82 -18.59
N GLN A 275 -4.24 -17.13 -18.44
CA GLN A 275 -3.41 -17.83 -17.49
C GLN A 275 -1.90 -17.66 -17.74
N PRO A 276 -1.14 -17.17 -16.72
CA PRO A 276 0.31 -17.06 -16.84
C PRO A 276 0.92 -18.46 -17.00
N GLU A 277 2.00 -18.54 -17.76
CA GLU A 277 2.82 -19.75 -17.81
C GLU A 277 3.30 -20.12 -16.40
N TYR A 278 3.28 -21.39 -16.05
CA TYR A 278 3.76 -21.81 -14.72
C TYR A 278 2.78 -21.54 -13.54
N CYS A 279 1.74 -20.76 -13.79
CA CYS A 279 0.66 -20.56 -12.80
C CYS A 279 -0.16 -21.82 -12.61
N PRO A 280 -0.21 -22.36 -11.38
CA PRO A 280 -1.09 -23.51 -11.16
C PRO A 280 -2.53 -23.28 -11.53
N ASP A 281 -3.17 -24.33 -12.04
CA ASP A 281 -4.56 -24.20 -12.47
C ASP A 281 -5.50 -23.70 -11.36
N PRO A 282 -5.41 -24.23 -10.13
CA PRO A 282 -6.37 -23.81 -9.10
C PRO A 282 -6.21 -22.33 -8.75
N LEU A 283 -4.98 -21.82 -8.89
CA LEU A 283 -4.72 -20.39 -8.62
C LEU A 283 -5.34 -19.51 -9.72
N TYR A 284 -5.26 -19.96 -10.97
CA TYR A 284 -5.91 -19.25 -12.06
C TYR A 284 -7.44 -19.29 -11.88
N GLU A 285 -7.99 -20.40 -11.41
CA GLU A 285 -9.41 -20.48 -11.08
C GLU A 285 -9.82 -19.41 -10.04
N VAL A 286 -8.98 -19.24 -9.03
CA VAL A 286 -9.15 -18.18 -8.04
C VAL A 286 -9.18 -16.81 -8.71
N MET A 287 -8.27 -16.52 -9.63
CA MET A 287 -8.30 -15.24 -10.33
C MET A 287 -9.58 -14.99 -11.11
N LEU A 288 -10.05 -16.00 -11.85
CA LEU A 288 -11.26 -15.86 -12.64
C LEU A 288 -12.45 -15.56 -11.78
N LYS A 289 -12.53 -16.20 -10.63
CA LYS A 289 -13.62 -15.99 -9.69
C LYS A 289 -13.61 -14.55 -9.17
N CYS A 290 -12.42 -13.98 -9.01
CA CYS A 290 -12.28 -12.59 -8.58
C CYS A 290 -12.78 -11.62 -9.59
N TRP A 291 -12.84 -12.03 -10.86
CA TRP A 291 -13.28 -11.12 -11.94
C TRP A 291 -14.68 -11.47 -12.46
N HIS A 292 -15.47 -12.11 -11.61
CA HIS A 292 -16.90 -12.35 -11.92
C HIS A 292 -17.55 -11.03 -12.17
N PRO A 293 -18.34 -10.91 -13.27
CA PRO A 293 -19.04 -9.65 -13.56
C PRO A 293 -20.06 -9.22 -12.49
N LYS A 294 -20.60 -10.15 -11.74
CA LYS A 294 -21.50 -9.80 -10.66
C LYS A 294 -20.73 -9.73 -9.36
N ALA A 295 -20.53 -8.50 -8.88
CA ALA A 295 -19.74 -8.26 -7.65
C ALA A 295 -20.06 -9.27 -6.55
N GLU A 296 -21.35 -9.56 -6.32
CA GLU A 296 -21.72 -10.38 -5.17
C GLU A 296 -21.37 -11.86 -5.33
N MET A 297 -21.01 -12.31 -6.53
CA MET A 297 -20.58 -13.72 -6.69
C MET A 297 -19.04 -13.92 -6.56
N ARG A 298 -18.30 -12.84 -6.42
CA ARG A 298 -16.87 -12.94 -6.13
C ARG A 298 -16.68 -13.44 -4.73
N PRO A 299 -15.59 -14.18 -4.49
CA PRO A 299 -15.34 -14.69 -3.16
C PRO A 299 -15.01 -13.55 -2.21
N SER A 300 -15.19 -13.83 -0.92
CA SER A 300 -14.74 -12.86 0.12
C SER A 300 -13.24 -13.03 0.33
N PHE A 301 -12.58 -12.02 0.93
CA PHE A 301 -11.17 -12.21 1.33
C PHE A 301 -10.98 -13.32 2.29
N SER A 302 -11.97 -13.56 3.17
CA SER A 302 -11.87 -14.74 4.02
C SER A 302 -11.80 -16.09 3.23
N GLU A 303 -12.62 -16.23 2.21
CA GLU A 303 -12.59 -17.43 1.38
C GLU A 303 -11.31 -17.49 0.54
N LEU A 304 -10.82 -16.34 0.09
CA LEU A 304 -9.53 -16.30 -0.64
C LEU A 304 -8.34 -16.74 0.23
N VAL A 305 -8.34 -16.33 1.49
CA VAL A 305 -7.33 -16.77 2.40
C VAL A 305 -7.36 -18.29 2.55
N SER A 306 -8.56 -18.85 2.73
CA SER A 306 -8.69 -20.30 2.92
C SER A 306 -8.20 -21.05 1.69
N ARG A 307 -8.64 -20.61 0.54
CA ARG A 307 -8.37 -21.35 -0.71
C ARG A 307 -6.89 -21.23 -1.11
N ILE A 308 -6.36 -20.01 -1.01
CA ILE A 308 -4.91 -19.81 -1.30
C ILE A 308 -3.98 -20.49 -0.29
N SER A 309 -4.37 -20.53 0.98
CA SER A 309 -3.66 -21.28 2.00
CA SER A 309 -3.61 -21.26 1.96
C SER A 309 -3.56 -22.74 1.58
N ALA A 310 -4.70 -23.28 1.13
CA ALA A 310 -4.82 -24.67 0.64
C ALA A 310 -3.88 -24.92 -0.58
N ILE A 311 -3.88 -23.98 -1.52
CA ILE A 311 -3.03 -24.07 -2.69
C ILE A 311 -1.58 -24.02 -2.27
N PHE A 312 -1.23 -23.04 -1.41
CA PHE A 312 0.13 -22.91 -0.94
C PHE A 312 0.63 -24.18 -0.25
N SER A 313 -0.20 -24.73 0.61
CA SER A 313 0.17 -25.93 1.40
C SER A 313 0.40 -27.18 0.55
N THR A 314 -0.17 -27.21 -0.64
CA THR A 314 -0.06 -28.42 -1.48
C THR A 314 0.89 -28.24 -2.64
N PHE A 315 1.49 -27.03 -2.75
CA PHE A 315 2.45 -26.75 -3.79
C PHE A 315 3.82 -26.91 -3.19
N ILE A 316 4.50 -27.98 -3.57
CA ILE A 316 5.76 -28.28 -2.97
C ILE A 316 6.87 -27.81 -3.89
N GLY A 317 7.53 -26.74 -3.50
CA GLY A 317 8.60 -26.13 -4.28
C GLY A 317 9.29 -25.00 -3.52
C1 L1X B . -3.40 2.45 2.75
C2 L1X B . -1.89 1.91 4.57
C3 L1X B . 3.78 4.21 1.30
C4 L1X B . 5.08 4.27 0.81
C5 L1X B . -3.80 1.12 2.70
C6 L1X B . -2.30 0.60 4.51
C7 L1X B . 8.06 4.08 2.26
C8 L1X B . 10.16 3.48 0.36
C9 L1X B . 4.02 6.36 2.29
C10 L1X B . 9.47 2.48 3.69
C11 L1X B . 9.92 4.60 -2.37
C12 L1X B . 8.36 5.98 -1.62
C13 L1X B . 9.12 3.24 2.56
C14 L1X B . 9.13 4.32 0.08
C15 L1X B . 9.16 4.92 -1.23
C16 L1X B . 10.11 2.97 1.64
C17 L1X B . -2.45 2.80 3.69
C18 L1X B . 3.26 5.24 2.05
C19 L1X B . 5.84 5.39 1.05
C20 L1X B . 8.11 4.61 0.97
C21 L1X B . -3.25 0.24 3.59
C22 L1X B . 5.30 6.43 1.78
C23 L1X B . -0.96 6.65 3.95
C24 L1X B . -2.28 6.37 4.45
C25 L1X B . -0.18 5.70 3.41
C26 L1X B . -2.73 5.11 4.38
C27 L1X B . -0.68 4.31 3.32
C28 L1X B . 1.15 6.13 2.98
C29 L1X B . -4.08 4.73 4.87
C30 L1X B . 12.19 1.57 1.69
N31 L1X B . 10.60 1.81 3.52
N32 L1X B . 9.63 5.40 -3.38
N33 L1X B . 8.70 6.22 -2.92
N34 L1X B . 10.97 2.12 2.27
N35 L1X B . -1.95 4.11 3.79
N36 L1X B . 1.95 5.11 2.56
O37 L1X B . 0.06 3.44 2.86
O38 L1X B . 1.50 7.29 3.17
O39 L1X B . 7.14 5.48 0.53
F40 L1X B . -3.62 -1.05 3.57
F41 L1X B . 6.04 7.53 2.05
#